data_1L1Z
#
_entry.id   1L1Z
#
_cell.length_a   45.022
_cell.length_b   96.047
_cell.length_c   103.889
_cell.angle_alpha   90.00
_cell.angle_beta   90.00
_cell.angle_gamma   90.00
#
_symmetry.space_group_name_H-M   'P 21 21 21'
#
loop_
_entity.id
_entity.type
_entity.pdbx_description
1 polymer "5'-D(*AP*G*GP*TP*AP*GP*AP*CP*CP*TP*GP*GP*AP*CP*GP*C)-3'"
2 polymer "5'-D(*TP*GP*C*GP*TP*CP*CP*AP*(PED)P*GP*TP*CP*TP*AP*CP*C)-3'"
3 polymer MutM
4 non-polymer 'ZINC ION'
5 water water
#
loop_
_entity_poly.entity_id
_entity_poly.type
_entity_poly.pdbx_seq_one_letter_code
_entity_poly.pdbx_strand_id
1 'polydeoxyribonucleotide' (DA)(DG)(DG)(DT)(DA)(DG)(DA)(DC)(DC)(DT)(DG)(DG)(DA)(DC)(DG)(DC) B
2 'polydeoxyribonucleotide' (DT)(DG)(DC)(DG)(DT)(DC)(DC)(DA)(PED)(DG)(DT)(DC)(DT)(DA)(DC)(DC) C
3 'polypeptide(L)'
;MPELPEVETIRRTLLPLIVGKTIEDVRIFWPNIIRHPRDSEAFAARMIGQTVRGLERRGKFLKFLLDRDALISHLRMEGR
YAVASALEPLEPHTHVVFCFTDGSELRYRDVRKFGTMHVYAKEEADRRPPLAELGPEPLSPAFSPAVLAERAVKTKRSVK
ALLLDQTVVAGFGNIYVDESLFRAGILPGRPAASLSSKEIERLHEEMVATIGEAVMKGGSTVRTYVNTQGEAGTFQHHLY
VYGRQGNPCKRCGTPIEKTVVAGRGTHYCPRCQR
;
A
#
loop_
_chem_comp.id
_chem_comp.type
_chem_comp.name
_chem_comp.formula
DA DNA linking 2'-DEOXYADENOSINE-5'-MONOPHOSPHATE 'C10 H14 N5 O6 P'
DC DNA linking 2'-DEOXYCYTIDINE-5'-MONOPHOSPHATE 'C9 H14 N3 O7 P'
DG DNA linking 2'-DEOXYGUANOSINE-5'-MONOPHOSPHATE 'C10 H14 N5 O7 P'
DT DNA linking THYMIDINE-5'-MONOPHOSPHATE 'C10 H15 N2 O8 P'
PED non-polymer PENTANE-3,4-DIOL-5-PHOSPHATE 'C5 H13 O6 P'
ZN non-polymer 'ZINC ION' 'Zn 2'
#
# COMPACT_ATOMS: atom_id res chain seq x y z
P PED B 9 5.07 8.77 -7.04
O1P PED B 9 5.98 8.13 -8.05
O2P PED B 9 3.93 9.60 -7.51
O5' PED B 9 4.49 7.66 -6.06
C2' PED B 9 4.33 5.63 -2.55
C5' PED B 9 5.36 6.76 -5.37
C4' PED B 9 4.58 5.52 -4.95
O4' PED B 9 5.50 4.49 -4.49
C3' PED B 9 3.53 5.69 -3.85
C1' PED B 9 3.76 4.45 -1.75
O3' PED B 9 2.61 4.59 -3.91
N PRO C 2 4.37 4.33 -0.42
CA PRO C 2 4.11 2.99 0.16
C PRO C 2 3.10 2.05 -0.52
N GLU C 3 3.60 0.98 -1.10
CA GLU C 3 2.76 -0.01 -1.78
C GLU C 3 2.75 -1.33 -0.99
N LEU C 4 2.15 -2.40 -1.51
CA LEU C 4 2.08 -3.65 -0.75
C LEU C 4 3.39 -4.13 -0.11
N PRO C 5 4.49 -4.14 -0.87
CA PRO C 5 5.78 -4.58 -0.30
C PRO C 5 6.24 -3.80 0.93
N GLU C 6 6.12 -2.48 0.86
CA GLU C 6 6.52 -1.61 1.96
C GLU C 6 5.60 -1.76 3.18
N VAL C 7 4.30 -1.88 2.93
CA VAL C 7 3.34 -2.02 4.04
C VAL C 7 3.50 -3.40 4.72
N GLU C 8 3.78 -4.43 3.93
CA GLU C 8 3.97 -5.77 4.46
C GLU C 8 5.23 -5.80 5.32
N THR C 9 6.24 -5.03 4.93
CA THR C 9 7.48 -4.96 5.69
C THR C 9 7.23 -4.29 7.05
N ILE C 10 6.43 -3.22 7.04
CA ILE C 10 6.10 -2.50 8.28
C ILE C 10 5.30 -3.42 9.21
N ARG C 11 4.35 -4.16 8.64
CA ARG C 11 3.51 -5.08 9.42
C ARG C 11 4.36 -6.11 10.17
N ARG C 12 5.30 -6.73 9.45
CA ARG C 12 6.16 -7.76 10.04
C ARG C 12 7.09 -7.24 11.15
N THR C 13 7.67 -6.06 10.95
CA THR C 13 8.59 -5.50 11.93
C THR C 13 7.91 -4.82 13.13
N LEU C 14 6.73 -4.27 12.91
CA LEU C 14 6.00 -3.57 13.98
C LEU C 14 5.28 -4.51 14.96
N LEU C 15 4.75 -5.62 14.46
CA LEU C 15 4.00 -6.56 15.30
C LEU C 15 4.62 -6.95 16.65
N PRO C 16 5.88 -7.45 16.66
CA PRO C 16 6.46 -7.83 17.95
C PRO C 16 6.72 -6.66 18.91
N LEU C 17 6.77 -5.45 18.37
CA LEU C 17 7.03 -4.27 19.18
C LEU C 17 5.79 -3.74 19.91
N ILE C 18 4.60 -4.24 19.56
CA ILE C 18 3.37 -3.77 20.19
C ILE C 18 2.40 -4.84 20.71
N VAL C 19 2.56 -6.09 20.26
CA VAL C 19 1.63 -7.14 20.69
C VAL C 19 1.63 -7.33 22.22
N GLY C 20 0.44 -7.40 22.79
CA GLY C 20 0.34 -7.59 24.23
C GLY C 20 0.28 -6.34 25.09
N LYS C 21 0.45 -5.17 24.47
CA LYS C 21 0.40 -3.90 25.22
C LYS C 21 -1.03 -3.38 25.32
N THR C 22 -1.35 -2.69 26.42
CA THR C 22 -2.69 -2.14 26.66
C THR C 22 -2.68 -0.60 26.53
N ILE C 23 -3.66 -0.07 25.79
CA ILE C 23 -3.78 1.37 25.58
C ILE C 23 -4.29 2.13 26.82
N GLU C 24 -3.58 3.19 27.19
CA GLU C 24 -3.97 4.02 28.34
C GLU C 24 -4.54 5.38 27.90
N ASP C 25 -4.07 5.90 26.77
CA ASP C 25 -4.57 7.18 26.24
C ASP C 25 -4.32 7.27 24.73
N VAL C 26 -5.08 8.13 24.05
CA VAL C 26 -4.91 8.36 22.62
C VAL C 26 -4.97 9.88 22.43
N ARG C 27 -3.90 10.45 21.88
CA ARG C 27 -3.83 11.90 21.67
C ARG C 27 -3.76 12.23 20.18
N ILE C 28 -4.56 13.20 19.77
CA ILE C 28 -4.67 13.62 18.37
C ILE C 28 -4.34 15.09 18.16
N PHE C 29 -3.41 15.36 17.24
CA PHE C 29 -2.97 16.73 16.95
C PHE C 29 -3.43 17.27 15.59
N TRP C 30 -3.97 16.40 14.73
CA TRP C 30 -4.52 16.80 13.43
C TRP C 30 -5.76 15.93 13.19
N PRO C 31 -6.94 16.40 13.63
CA PRO C 31 -8.25 15.75 13.53
C PRO C 31 -8.71 15.21 12.17
N ASN C 32 -8.32 15.89 11.10
CA ASN C 32 -8.73 15.47 9.75
C ASN C 32 -8.33 14.03 9.39
N ILE C 33 -7.31 13.51 10.04
CA ILE C 33 -6.85 12.14 9.78
C ILE C 33 -7.90 11.12 10.26
N ILE C 34 -8.64 11.47 11.31
CA ILE C 34 -9.67 10.57 11.86
C ILE C 34 -10.94 10.62 11.02
N ARG C 35 -11.29 9.51 10.40
CA ARG C 35 -12.48 9.45 9.54
C ARG C 35 -13.70 8.75 10.14
N HIS C 36 -13.49 7.83 11.07
CA HIS C 36 -14.62 7.14 11.72
C HIS C 36 -14.22 6.50 13.05
N PRO C 37 -14.95 6.83 14.14
CA PRO C 37 -16.07 7.77 14.13
C PRO C 37 -15.57 9.18 13.79
N ARG C 38 -16.42 9.98 13.15
CA ARG C 38 -16.02 11.33 12.78
C ARG C 38 -15.50 12.16 13.93
N ASP C 39 -16.13 12.05 15.09
CA ASP C 39 -15.74 12.81 16.28
C ASP C 39 -14.46 12.24 16.91
N SER C 40 -13.38 13.02 16.87
CA SER C 40 -12.10 12.59 17.42
C SER C 40 -12.17 12.17 18.89
N GLU C 41 -13.04 12.80 19.66
CA GLU C 41 -13.18 12.47 21.07
C GLU C 41 -13.72 11.05 21.28
N ALA C 42 -14.63 10.61 20.42
CA ALA C 42 -15.19 9.26 20.53
C ALA C 42 -14.17 8.22 20.07
N PHE C 43 -13.39 8.58 19.04
CA PHE C 43 -12.35 7.72 18.49
C PHE C 43 -11.34 7.38 19.60
N ALA C 44 -10.88 8.40 20.33
CA ALA C 44 -9.92 8.20 21.40
C ALA C 44 -10.50 7.41 22.58
N ALA C 45 -11.66 7.81 23.06
CA ALA C 45 -12.29 7.15 24.20
C ALA C 45 -12.55 5.65 24.06
N ARG C 46 -13.00 5.21 22.89
CA ARG C 46 -13.32 3.78 22.70
C ARG C 46 -12.13 2.84 22.73
N MET C 47 -10.94 3.32 22.39
CA MET C 47 -9.77 2.43 22.38
C MET C 47 -9.09 2.27 23.74
N ILE C 48 -9.33 3.20 24.67
CA ILE C 48 -8.72 3.13 26.00
C ILE C 48 -9.15 1.85 26.73
N GLY C 49 -8.15 1.11 27.21
CA GLY C 49 -8.43 -0.13 27.92
C GLY C 49 -8.31 -1.38 27.07
N GLN C 50 -8.22 -1.22 25.75
CA GLN C 50 -8.09 -2.36 24.85
C GLN C 50 -6.63 -2.77 24.68
N THR C 51 -6.41 -4.06 24.43
CA THR C 51 -5.06 -4.62 24.24
C THR C 51 -4.82 -5.03 22.79
N VAL C 52 -3.59 -4.80 22.31
CA VAL C 52 -3.24 -5.16 20.94
C VAL C 52 -3.05 -6.68 20.86
N ARG C 53 -3.82 -7.34 20.02
CA ARG C 53 -3.74 -8.79 19.89
C ARG C 53 -3.08 -9.27 18.59
N GLY C 54 -3.07 -8.41 17.57
CA GLY C 54 -2.48 -8.80 16.31
C GLY C 54 -2.37 -7.65 15.31
N LEU C 55 -1.72 -7.91 14.17
CA LEU C 55 -1.54 -6.90 13.12
C LEU C 55 -1.54 -7.57 11.76
N GLU C 56 -2.53 -7.24 10.93
CA GLU C 56 -2.65 -7.81 9.60
C GLU C 56 -2.60 -6.74 8.50
N ARG C 57 -2.62 -7.17 7.25
CA ARG C 57 -2.58 -6.25 6.10
C ARG C 57 -3.60 -6.68 5.03
N ARG C 58 -4.26 -5.71 4.42
CA ARG C 58 -5.23 -5.97 3.35
C ARG C 58 -4.95 -4.88 2.31
N GLY C 59 -4.43 -5.27 1.15
CA GLY C 59 -4.10 -4.27 0.14
C GLY C 59 -2.99 -3.39 0.70
N LYS C 60 -3.16 -2.08 0.63
CA LYS C 60 -2.17 -1.14 1.15
C LYS C 60 -2.53 -0.71 2.59
N PHE C 61 -3.55 -1.35 3.18
CA PHE C 61 -3.99 -1.02 4.54
C PHE C 61 -3.40 -1.90 5.65
N LEU C 62 -3.19 -1.29 6.82
CA LEU C 62 -2.73 -2.02 8.00
C LEU C 62 -3.98 -2.17 8.87
N LYS C 63 -4.15 -3.35 9.48
CA LYS C 63 -5.31 -3.60 10.33
C LYS C 63 -4.84 -4.01 11.73
N PHE C 64 -4.94 -3.08 12.68
CA PHE C 64 -4.53 -3.35 14.06
C PHE C 64 -5.70 -4.07 14.76
N LEU C 65 -5.46 -5.28 15.25
CA LEU C 65 -6.52 -6.04 15.94
C LEU C 65 -6.41 -5.86 17.45
N LEU C 66 -7.47 -5.29 18.04
CA LEU C 66 -7.52 -5.05 19.48
C LEU C 66 -8.43 -6.07 20.17
N ASP C 67 -9.19 -5.67 21.18
CA ASP C 67 -10.07 -6.63 21.83
C ASP C 67 -11.38 -6.76 21.06
N ARG C 68 -12.15 -5.69 21.04
CA ARG C 68 -13.42 -5.68 20.34
C ARG C 68 -13.33 -4.99 18.97
N ASP C 69 -12.47 -3.99 18.87
CA ASP C 69 -12.31 -3.22 17.64
C ASP C 69 -11.10 -3.53 16.77
N ALA C 70 -11.14 -2.99 15.55
CA ALA C 70 -10.06 -3.10 14.59
C ALA C 70 -9.78 -1.68 14.10
N LEU C 71 -8.52 -1.26 14.11
CA LEU C 71 -8.12 0.06 13.64
C LEU C 71 -7.55 -0.11 12.23
N ILE C 72 -8.19 0.52 11.24
CA ILE C 72 -7.79 0.43 9.84
C ILE C 72 -7.02 1.70 9.45
N SER C 73 -5.74 1.54 9.09
CA SER C 73 -4.86 2.67 8.75
C SER C 73 -4.24 2.64 7.34
N HIS C 74 -4.29 3.79 6.65
CA HIS C 74 -3.72 3.92 5.31
C HIS C 74 -2.68 5.06 5.39
N LEU C 75 -1.45 4.77 4.97
CA LEU C 75 -0.36 5.74 5.02
C LEU C 75 -0.34 6.76 3.87
N ARG C 76 -1.12 6.50 2.83
CA ARG C 76 -1.14 7.36 1.64
C ARG C 76 0.27 7.59 1.10
N MET C 77 0.71 8.85 1.01
CA MET C 77 2.04 9.13 0.46
C MET C 77 3.26 9.14 1.39
N GLU C 78 3.09 9.56 2.65
CA GLU C 78 4.24 9.64 3.56
C GLU C 78 4.05 9.19 5.01
N GLY C 79 2.93 8.55 5.32
CA GLY C 79 2.69 8.09 6.68
C GLY C 79 3.71 7.06 7.14
N ARG C 80 4.03 7.07 8.43
CA ARG C 80 4.99 6.14 9.02
C ARG C 80 4.74 5.94 10.53
N TYR C 81 5.13 4.77 11.04
CA TYR C 81 4.95 4.43 12.46
C TYR C 81 6.29 4.13 13.16
N ALA C 82 6.35 4.40 14.47
CA ALA C 82 7.54 4.10 15.27
C ALA C 82 7.14 3.92 16.74
N VAL C 83 7.89 3.08 17.47
CA VAL C 83 7.60 2.86 18.90
C VAL C 83 8.75 3.48 19.69
N ALA C 84 8.42 4.23 20.75
CA ALA C 84 9.46 4.89 21.56
C ALA C 84 8.98 5.17 22.99
N SER C 85 9.88 5.74 23.80
CA SER C 85 9.56 6.09 25.19
C SER C 85 8.68 7.35 25.27
N ALA C 86 7.67 7.31 26.13
CA ALA C 86 6.75 8.44 26.29
C ALA C 86 7.36 9.61 27.07
N LEU C 87 8.59 9.43 27.55
CA LEU C 87 9.26 10.48 28.32
C LEU C 87 10.09 11.41 27.42
N GLU C 88 10.24 11.04 26.15
CA GLU C 88 11.03 11.85 25.23
C GLU C 88 10.18 12.78 24.38
N PRO C 89 10.75 13.92 23.95
CA PRO C 89 10.00 14.88 23.11
C PRO C 89 9.70 14.27 21.75
N LEU C 90 8.53 14.61 21.21
CA LEU C 90 8.11 14.10 19.90
C LEU C 90 8.89 14.68 18.73
N GLU C 91 8.93 13.94 17.62
CA GLU C 91 9.61 14.39 16.41
C GLU C 91 8.63 15.24 15.61
N PRO C 92 9.14 16.10 14.71
CA PRO C 92 8.27 16.96 13.89
C PRO C 92 7.24 16.18 13.07
N HIS C 93 6.06 16.77 12.90
CA HIS C 93 4.99 16.18 12.11
C HIS C 93 4.32 14.92 12.69
N THR C 94 4.31 14.80 14.02
CA THR C 94 3.65 13.67 14.68
C THR C 94 2.20 14.12 14.94
N HIS C 95 1.24 13.41 14.35
CA HIS C 95 -0.17 13.78 14.46
C HIS C 95 -1.10 12.92 15.33
N VAL C 96 -0.70 11.69 15.61
CA VAL C 96 -1.49 10.80 16.46
C VAL C 96 -0.55 9.94 17.30
N VAL C 97 -0.86 9.80 18.59
CA VAL C 97 -0.04 8.98 19.49
C VAL C 97 -0.89 8.08 20.39
N PHE C 98 -0.51 6.80 20.45
CA PHE C 98 -1.19 5.83 21.30
C PHE C 98 -0.25 5.52 22.48
N CYS C 99 -0.66 5.88 23.70
CA CYS C 99 0.17 5.65 24.88
C CYS C 99 -0.22 4.35 25.60
N PHE C 100 0.76 3.49 25.88
CA PHE C 100 0.51 2.20 26.55
C PHE C 100 0.76 2.26 28.07
N THR C 101 0.16 1.30 28.80
CA THR C 101 0.31 1.27 30.26
C THR C 101 1.74 0.99 30.76
N ASP C 102 2.62 0.52 29.87
CA ASP C 102 4.00 0.25 30.27
C ASP C 102 4.95 1.42 30.04
N GLY C 103 4.39 2.58 29.67
CA GLY C 103 5.24 3.75 29.46
C GLY C 103 5.80 3.97 28.06
N SER C 104 5.56 3.01 27.17
CA SER C 104 6.02 3.14 25.78
C SER C 104 4.85 3.69 24.96
N GLU C 105 5.13 4.07 23.71
CA GLU C 105 4.06 4.62 22.86
C GLU C 105 4.29 4.39 21.38
N LEU C 106 3.18 4.31 20.63
CA LEU C 106 3.22 4.13 19.18
C LEU C 106 2.90 5.50 18.56
N ARG C 107 3.83 6.03 17.77
CA ARG C 107 3.67 7.34 17.16
C ARG C 107 3.45 7.31 15.64
N TYR C 108 2.49 8.11 15.17
CA TYR C 108 2.22 8.20 13.72
C TYR C 108 2.64 9.57 13.19
N ARG C 109 3.54 9.58 12.21
CA ARG C 109 4.03 10.82 11.59
C ARG C 109 3.59 10.86 10.12
N ASP C 110 3.29 12.05 9.60
CA ASP C 110 2.83 12.18 8.21
C ASP C 110 3.01 13.65 7.78
N VAL C 111 4.14 13.95 7.15
CA VAL C 111 4.43 15.32 6.71
C VAL C 111 3.33 16.01 5.91
N ARG C 112 2.78 15.32 4.91
CA ARG C 112 1.75 15.91 4.07
C ARG C 112 0.31 15.82 4.61
N LYS C 113 0.12 15.07 5.69
CA LYS C 113 -1.19 14.93 6.34
C LYS C 113 -2.29 14.24 5.52
N PHE C 114 -1.91 13.34 4.61
CA PHE C 114 -2.89 12.66 3.75
C PHE C 114 -3.50 11.37 4.32
N GLY C 115 -2.81 10.73 5.27
CA GLY C 115 -3.27 9.48 5.85
C GLY C 115 -4.66 9.43 6.48
N THR C 116 -5.22 8.23 6.61
CA THR C 116 -6.55 8.04 7.18
C THR C 116 -6.63 6.91 8.22
N MET C 117 -7.58 7.02 9.15
CA MET C 117 -7.81 6.01 10.19
C MET C 117 -9.31 5.78 10.44
N HIS C 118 -9.74 4.51 10.43
CA HIS C 118 -11.15 4.13 10.69
C HIS C 118 -11.17 3.04 11.77
N VAL C 119 -12.12 3.13 12.71
CA VAL C 119 -12.27 2.13 13.77
C VAL C 119 -13.69 1.53 13.76
N TYR C 120 -13.76 0.21 13.65
CA TYR C 120 -15.04 -0.52 13.64
C TYR C 120 -14.91 -1.78 14.49
N ALA C 121 -16.04 -2.35 14.88
CA ALA C 121 -16.03 -3.60 15.63
C ALA C 121 -15.43 -4.60 14.65
N LYS C 122 -14.65 -5.56 15.14
CA LYS C 122 -14.01 -6.54 14.27
C LYS C 122 -14.88 -7.15 13.17
N GLU C 123 -16.07 -7.61 13.53
CA GLU C 123 -16.97 -8.25 12.58
C GLU C 123 -17.71 -7.31 11.61
N GLU C 124 -17.33 -6.04 11.60
CA GLU C 124 -17.96 -5.08 10.70
C GLU C 124 -16.95 -4.46 9.74
N ALA C 125 -15.66 -4.58 10.10
CA ALA C 125 -14.58 -3.99 9.30
C ALA C 125 -14.54 -4.39 7.83
N ASP C 126 -14.66 -5.68 7.53
CA ASP C 126 -14.61 -6.14 6.15
C ASP C 126 -15.85 -5.84 5.32
N ARG C 127 -16.94 -5.44 5.97
CA ARG C 127 -18.19 -5.15 5.26
C ARG C 127 -18.49 -3.67 5.13
N ARG C 128 -17.57 -2.81 5.56
CA ARG C 128 -17.77 -1.38 5.48
C ARG C 128 -16.59 -0.72 4.77
N PRO C 129 -16.75 0.53 4.31
CA PRO C 129 -15.63 1.18 3.63
C PRO C 129 -14.55 1.44 4.68
N PRO C 130 -13.27 1.53 4.26
CA PRO C 130 -12.77 1.40 2.88
C PRO C 130 -12.35 -0.01 2.42
N LEU C 131 -12.51 -1.02 3.27
CA LEU C 131 -12.11 -2.38 2.88
C LEU C 131 -13.11 -3.15 2.03
N ALA C 132 -14.40 -2.83 2.19
CA ALA C 132 -15.47 -3.53 1.47
C ALA C 132 -15.29 -3.81 -0.02
N GLU C 133 -14.92 -2.79 -0.80
CA GLU C 133 -14.79 -2.98 -2.25
C GLU C 133 -13.41 -3.31 -2.82
N LEU C 134 -12.47 -3.73 -1.98
CA LEU C 134 -11.13 -4.05 -2.48
C LEU C 134 -11.09 -5.36 -3.28
N GLY C 135 -10.22 -5.39 -4.29
CA GLY C 135 -10.06 -6.58 -5.12
C GLY C 135 -9.28 -7.64 -4.37
N PRO C 136 -9.01 -8.81 -5.00
CA PRO C 136 -8.26 -9.88 -4.34
C PRO C 136 -6.77 -9.63 -4.13
N GLU C 137 -6.20 -10.37 -3.17
CA GLU C 137 -4.78 -10.28 -2.86
C GLU C 137 -4.00 -10.90 -4.01
N PRO C 138 -3.02 -10.17 -4.56
CA PRO C 138 -2.21 -10.68 -5.69
C PRO C 138 -1.42 -11.96 -5.45
N LEU C 139 -1.02 -12.21 -4.20
CA LEU C 139 -0.26 -13.40 -3.88
C LEU C 139 -1.15 -14.55 -3.39
N SER C 140 -2.42 -14.52 -3.79
CA SER C 140 -3.36 -15.57 -3.41
C SER C 140 -3.99 -16.19 -4.65
N PRO C 141 -4.50 -17.43 -4.53
CA PRO C 141 -5.12 -18.10 -5.67
C PRO C 141 -6.33 -17.33 -6.20
N ALA C 142 -6.82 -16.37 -5.41
CA ALA C 142 -7.96 -15.57 -5.81
C ALA C 142 -7.64 -14.62 -6.96
N PHE C 143 -6.36 -14.39 -7.20
CA PHE C 143 -5.93 -13.54 -8.31
C PHE C 143 -5.41 -14.44 -9.42
N SER C 144 -6.09 -14.44 -10.56
CA SER C 144 -5.71 -15.27 -11.70
C SER C 144 -5.86 -14.49 -13.00
N PRO C 145 -5.30 -15.03 -14.11
CA PRO C 145 -5.41 -14.35 -15.40
C PRO C 145 -6.86 -14.07 -15.76
N ALA C 146 -7.74 -15.00 -15.38
CA ALA C 146 -9.16 -14.87 -15.65
C ALA C 146 -9.76 -13.62 -15.03
N VAL C 147 -9.43 -13.37 -13.76
CA VAL C 147 -9.94 -12.20 -13.05
C VAL C 147 -9.49 -10.90 -13.72
N LEU C 148 -8.26 -10.90 -14.23
CA LEU C 148 -7.71 -9.73 -14.89
C LEU C 148 -8.39 -9.48 -16.24
N ALA C 149 -8.73 -10.56 -16.94
CA ALA C 149 -9.37 -10.46 -18.24
C ALA C 149 -10.79 -9.92 -18.15
N GLU C 150 -11.58 -10.45 -17.22
CA GLU C 150 -12.96 -10.03 -17.04
C GLU C 150 -13.07 -8.51 -16.92
N ARG C 151 -12.08 -7.89 -16.29
CA ARG C 151 -12.08 -6.45 -16.11
C ARG C 151 -11.51 -5.70 -17.32
N ALA C 152 -10.45 -6.25 -17.89
CA ALA C 152 -9.78 -5.64 -19.03
C ALA C 152 -10.60 -5.62 -20.32
N VAL C 153 -11.30 -6.73 -20.59
CA VAL C 153 -12.10 -6.85 -21.81
C VAL C 153 -13.32 -5.95 -21.86
N LYS C 154 -13.66 -5.32 -20.74
CA LYS C 154 -14.82 -4.45 -20.68
C LYS C 154 -14.54 -2.95 -20.69
N THR C 155 -13.26 -2.56 -20.73
CA THR C 155 -12.93 -1.14 -20.72
C THR C 155 -11.84 -0.74 -21.71
N LYS C 156 -11.89 0.53 -22.13
CA LYS C 156 -10.90 1.06 -23.07
C LYS C 156 -9.88 1.96 -22.38
N ARG C 157 -10.00 2.15 -21.07
CA ARG C 157 -9.03 2.98 -20.37
C ARG C 157 -7.65 2.34 -20.43
N SER C 158 -6.61 3.13 -20.18
CA SER C 158 -5.24 2.63 -20.21
C SER C 158 -5.03 1.44 -19.30
N VAL C 159 -4.11 0.56 -19.68
CA VAL C 159 -3.81 -0.61 -18.88
C VAL C 159 -3.18 -0.21 -17.54
N LYS C 160 -2.48 0.92 -17.51
CA LYS C 160 -1.89 1.37 -16.25
C LYS C 160 -3.01 1.82 -15.30
N ALA C 161 -4.01 2.49 -15.84
CA ALA C 161 -5.13 2.96 -15.02
C ALA C 161 -5.86 1.77 -14.41
N LEU C 162 -5.92 0.67 -15.16
CA LEU C 162 -6.59 -0.56 -14.71
C LEU C 162 -5.86 -1.17 -13.51
N LEU C 163 -4.54 -1.29 -13.62
CA LEU C 163 -3.72 -1.88 -12.57
C LEU C 163 -3.67 -1.06 -11.27
N LEU C 164 -3.86 0.25 -11.39
CA LEU C 164 -3.85 1.14 -10.22
C LEU C 164 -5.22 1.14 -9.50
N ASP C 165 -6.24 0.56 -10.14
CA ASP C 165 -7.59 0.49 -9.56
C ASP C 165 -7.62 -0.60 -8.49
N GLN C 166 -7.71 -0.19 -7.22
CA GLN C 166 -7.71 -1.15 -6.13
C GLN C 166 -8.90 -2.12 -6.12
N THR C 167 -9.94 -1.85 -6.91
CA THR C 167 -11.09 -2.77 -6.96
C THR C 167 -10.83 -3.93 -7.92
N VAL C 168 -9.81 -3.78 -8.77
CA VAL C 168 -9.44 -4.83 -9.73
C VAL C 168 -8.55 -5.85 -9.02
N VAL C 169 -7.50 -5.34 -8.38
CA VAL C 169 -6.55 -6.14 -7.62
C VAL C 169 -6.00 -5.17 -6.56
N ALA C 170 -5.74 -5.65 -5.36
CA ALA C 170 -5.28 -4.76 -4.30
C ALA C 170 -3.80 -4.78 -3.95
N GLY C 171 -3.15 -3.61 -4.00
CA GLY C 171 -1.75 -3.54 -3.61
C GLY C 171 -0.73 -2.88 -4.53
N PHE C 172 -1.05 -2.73 -5.81
CA PHE C 172 -0.10 -2.11 -6.74
C PHE C 172 -0.18 -0.59 -6.80
N GLY C 173 0.98 0.04 -6.87
CA GLY C 173 1.08 1.49 -6.95
C GLY C 173 1.95 1.91 -8.12
N ASN C 174 2.38 3.17 -8.12
CA ASN C 174 3.18 3.68 -9.25
C ASN C 174 4.46 2.91 -9.58
N ILE C 175 5.24 2.54 -8.56
CA ILE C 175 6.49 1.81 -8.83
C ILE C 175 6.29 0.42 -9.42
N TYR C 176 5.52 -0.42 -8.73
CA TYR C 176 5.32 -1.79 -9.19
C TYR C 176 4.43 -1.95 -10.42
N VAL C 177 3.63 -0.94 -10.77
CA VAL C 177 2.84 -1.04 -11.98
C VAL C 177 3.81 -0.78 -13.14
N ASP C 178 4.65 0.25 -13.02
CA ASP C 178 5.61 0.55 -14.08
C ASP C 178 6.59 -0.62 -14.28
N GLU C 179 7.05 -1.21 -13.19
CA GLU C 179 7.99 -2.32 -13.27
C GLU C 179 7.36 -3.59 -13.87
N SER C 180 6.13 -3.89 -13.48
CA SER C 180 5.44 -5.08 -14.00
C SER C 180 5.19 -4.98 -15.51
N LEU C 181 4.80 -3.80 -15.97
CA LEU C 181 4.53 -3.61 -17.39
C LEU C 181 5.82 -3.72 -18.23
N PHE C 182 6.94 -3.23 -17.70
CA PHE C 182 8.20 -3.36 -18.45
C PHE C 182 8.56 -4.83 -18.59
N ARG C 183 8.48 -5.57 -17.49
CA ARG C 183 8.81 -7.00 -17.49
C ARG C 183 7.93 -7.80 -18.45
N ALA C 184 6.69 -7.34 -18.62
CA ALA C 184 5.74 -8.02 -19.50
C ALA C 184 5.85 -7.56 -20.95
N GLY C 185 6.59 -6.47 -21.17
CA GLY C 185 6.77 -5.93 -22.51
C GLY C 185 5.54 -5.25 -23.07
N ILE C 186 4.82 -4.53 -22.22
CA ILE C 186 3.60 -3.83 -22.61
C ILE C 186 3.65 -2.33 -22.29
N LEU C 187 3.28 -1.48 -23.24
CA LEU C 187 3.30 -0.02 -23.02
C LEU C 187 2.17 0.37 -22.06
N PRO C 188 2.46 1.27 -21.10
CA PRO C 188 1.44 1.70 -20.14
C PRO C 188 0.23 2.44 -20.70
N GLY C 189 0.40 3.09 -21.84
CA GLY C 189 -0.69 3.85 -22.43
C GLY C 189 -1.67 3.12 -23.34
N ARG C 190 -1.48 1.82 -23.55
CA ARG C 190 -2.41 1.11 -24.43
C ARG C 190 -3.72 0.68 -23.77
N PRO C 191 -4.83 0.73 -24.53
CA PRO C 191 -6.16 0.35 -24.06
C PRO C 191 -6.16 -1.06 -23.48
N ALA C 192 -6.73 -1.21 -22.28
CA ALA C 192 -6.78 -2.50 -21.62
C ALA C 192 -7.45 -3.57 -22.47
N ALA C 193 -8.43 -3.17 -23.27
CA ALA C 193 -9.15 -4.11 -24.13
C ALA C 193 -8.32 -4.58 -25.34
N SER C 194 -7.24 -3.86 -25.64
CA SER C 194 -6.39 -4.22 -26.77
C SER C 194 -5.42 -5.35 -26.48
N LEU C 195 -5.32 -5.73 -25.21
CA LEU C 195 -4.41 -6.81 -24.81
C LEU C 195 -4.93 -8.19 -25.23
N SER C 196 -4.04 -8.99 -25.80
CA SER C 196 -4.39 -10.34 -26.24
C SER C 196 -4.40 -11.28 -25.04
N SER C 197 -4.93 -12.48 -25.25
CA SER C 197 -4.98 -13.48 -24.18
C SER C 197 -3.57 -13.83 -23.72
N LYS C 198 -2.63 -13.86 -24.66
CA LYS C 198 -1.24 -14.18 -24.33
C LYS C 198 -0.61 -13.07 -23.50
N GLU C 199 -0.94 -11.82 -23.83
CA GLU C 199 -0.39 -10.68 -23.09
C GLU C 199 -0.92 -10.63 -21.66
N ILE C 200 -2.18 -11.01 -21.48
CA ILE C 200 -2.78 -11.00 -20.14
C ILE C 200 -2.15 -12.04 -19.22
N GLU C 201 -1.86 -13.23 -19.76
CA GLU C 201 -1.25 -14.29 -18.98
C GLU C 201 0.18 -13.92 -18.60
N ARG C 202 0.88 -13.22 -19.49
CA ARG C 202 2.25 -12.80 -19.24
C ARG C 202 2.29 -11.69 -18.19
N LEU C 203 1.33 -10.77 -18.27
CA LEU C 203 1.26 -9.65 -17.33
C LEU C 203 0.95 -10.15 -15.92
N HIS C 204 0.04 -11.12 -15.82
CA HIS C 204 -0.31 -11.70 -14.53
C HIS C 204 0.93 -12.35 -13.91
N GLU C 205 1.64 -13.12 -14.72
CA GLU C 205 2.85 -13.80 -14.26
C GLU C 205 3.92 -12.84 -13.74
N GLU C 206 4.16 -11.75 -14.45
CA GLU C 206 5.18 -10.79 -14.03
C GLU C 206 4.72 -9.98 -12.80
N MET C 207 3.42 -9.72 -12.72
CA MET C 207 2.89 -8.98 -11.57
C MET C 207 3.13 -9.75 -10.28
N VAL C 208 2.83 -11.05 -10.30
CA VAL C 208 3.04 -11.88 -9.11
C VAL C 208 4.52 -12.04 -8.79
N ALA C 209 5.35 -12.18 -9.81
CA ALA C 209 6.78 -12.34 -9.61
C ALA C 209 7.41 -11.06 -9.05
N THR C 210 7.01 -9.91 -9.60
CA THR C 210 7.55 -8.63 -9.17
C THR C 210 7.20 -8.31 -7.72
N ILE C 211 5.92 -8.39 -7.39
CA ILE C 211 5.47 -8.09 -6.02
C ILE C 211 6.05 -9.07 -5.01
N GLY C 212 6.13 -10.35 -5.39
CA GLY C 212 6.68 -11.36 -4.49
C GLY C 212 8.15 -11.14 -4.19
N GLU C 213 8.91 -10.75 -5.22
CA GLU C 213 10.35 -10.49 -5.07
C GLU C 213 10.60 -9.24 -4.22
N ALA C 214 9.75 -8.23 -4.40
CA ALA C 214 9.90 -6.98 -3.65
C ALA C 214 9.68 -7.21 -2.15
N VAL C 215 8.72 -8.06 -1.81
CA VAL C 215 8.43 -8.37 -0.41
C VAL C 215 9.66 -9.02 0.24
N MET C 216 10.26 -9.96 -0.47
CA MET C 216 11.43 -10.67 0.04
C MET C 216 12.63 -9.74 0.28
N LYS C 217 12.72 -8.67 -0.49
CA LYS C 217 13.83 -7.72 -0.35
C LYS C 217 13.53 -6.57 0.60
N GLY C 218 12.38 -6.62 1.27
CA GLY C 218 12.00 -5.59 2.21
C GLY C 218 11.52 -4.29 1.59
N GLY C 219 11.05 -4.35 0.35
CA GLY C 219 10.55 -3.16 -0.30
C GLY C 219 11.61 -2.26 -0.94
N SER C 220 11.15 -1.15 -1.51
CA SER C 220 12.03 -0.20 -2.18
C SER C 220 12.28 1.07 -1.36
N THR C 221 13.56 1.37 -1.14
CA THR C 221 13.93 2.58 -0.40
C THR C 221 14.36 3.64 -1.41
N VAL C 222 13.54 4.68 -1.54
CA VAL C 222 13.82 5.76 -2.48
C VAL C 222 13.53 7.12 -1.84
N GLY C 233 14.89 -1.61 3.00
CA GLY C 233 14.67 -2.40 1.80
C GLY C 233 15.81 -2.28 0.82
N THR C 234 15.87 -3.20 -0.14
CA THR C 234 16.94 -3.19 -1.13
C THR C 234 16.44 -3.44 -2.56
N PHE C 235 15.12 -3.49 -2.75
CA PHE C 235 14.59 -3.74 -4.09
C PHE C 235 14.86 -2.60 -5.07
N GLN C 236 15.25 -1.43 -4.57
CA GLN C 236 15.51 -0.30 -5.47
C GLN C 236 16.68 -0.61 -6.42
N HIS C 237 17.54 -1.54 -6.02
CA HIS C 237 18.68 -1.92 -6.83
C HIS C 237 18.26 -2.87 -7.96
N HIS C 238 16.99 -3.27 -7.96
CA HIS C 238 16.49 -4.19 -8.97
C HIS C 238 15.45 -3.57 -9.89
N LEU C 239 15.34 -2.24 -9.89
CA LEU C 239 14.38 -1.54 -10.74
C LEU C 239 14.89 -1.40 -12.17
N TYR C 240 14.02 -1.62 -13.14
CA TYR C 240 14.36 -1.50 -14.56
C TYR C 240 14.00 -0.14 -15.15
N VAL C 241 12.92 0.48 -14.65
CA VAL C 241 12.49 1.76 -15.22
C VAL C 241 12.12 2.90 -14.26
N TYR C 242 11.49 2.59 -13.13
CA TYR C 242 11.08 3.66 -12.20
C TYR C 242 12.24 4.56 -11.76
N GLY C 243 12.11 5.85 -12.04
CA GLY C 243 13.14 6.81 -11.65
C GLY C 243 14.42 6.79 -12.48
N ARG C 244 14.45 6.02 -13.56
CA ARG C 244 15.64 5.92 -14.40
C ARG C 244 15.58 6.68 -15.74
N GLN C 245 14.66 7.64 -15.87
CA GLN C 245 14.54 8.40 -17.11
C GLN C 245 15.89 8.98 -17.52
N GLY C 246 16.24 8.86 -18.80
CA GLY C 246 17.50 9.40 -19.29
C GLY C 246 18.67 8.44 -19.22
N ASN C 247 18.53 7.35 -18.47
CA ASN C 247 19.59 6.35 -18.33
C ASN C 247 19.32 5.17 -19.26
N PRO C 248 20.36 4.43 -19.63
CA PRO C 248 20.17 3.28 -20.54
C PRO C 248 19.38 2.09 -19.97
N CYS C 249 18.53 1.52 -20.81
CA CYS C 249 17.75 0.34 -20.43
C CYS C 249 18.75 -0.76 -20.09
N LYS C 250 18.47 -1.52 -19.02
CA LYS C 250 19.37 -2.59 -18.61
C LYS C 250 19.37 -3.79 -19.55
N ARG C 251 18.37 -3.86 -20.43
CA ARG C 251 18.29 -4.99 -21.36
C ARG C 251 18.67 -4.68 -22.80
N CYS C 252 18.35 -3.47 -23.28
CA CYS C 252 18.66 -3.13 -24.66
C CYS C 252 19.52 -1.87 -24.85
N GLY C 253 19.69 -1.08 -23.80
CA GLY C 253 20.51 0.11 -23.89
C GLY C 253 19.84 1.41 -24.35
N THR C 254 18.58 1.32 -24.75
CA THR C 254 17.82 2.49 -25.22
C THR C 254 17.49 3.38 -24.01
N PRO C 255 17.57 4.72 -24.17
CA PRO C 255 17.26 5.61 -23.04
C PRO C 255 15.82 5.48 -22.53
N ILE C 256 15.66 5.34 -21.21
CA ILE C 256 14.33 5.23 -20.61
C ILE C 256 13.63 6.59 -20.69
N GLU C 257 12.33 6.60 -20.97
CA GLU C 257 11.57 7.84 -21.09
C GLU C 257 10.53 8.01 -19.98
N LYS C 258 10.06 9.25 -19.80
CA LYS C 258 9.06 9.55 -18.78
C LYS C 258 7.99 10.49 -19.34
N THR C 259 6.72 10.13 -19.11
CA THR C 259 5.59 10.93 -19.56
C THR C 259 4.51 10.88 -18.47
N VAL C 260 3.28 11.27 -18.81
CA VAL C 260 2.18 11.24 -17.86
C VAL C 260 1.03 10.37 -18.37
N VAL C 261 0.68 9.36 -17.58
CA VAL C 261 -0.40 8.41 -17.89
C VAL C 261 -1.27 8.19 -16.65
N ALA C 262 -2.59 8.26 -16.83
CA ALA C 262 -3.52 8.07 -15.71
C ALA C 262 -3.23 9.08 -14.60
N GLY C 263 -2.69 10.23 -14.98
CA GLY C 263 -2.39 11.27 -14.01
C GLY C 263 -1.17 11.06 -13.13
N ARG C 264 -0.33 10.07 -13.46
CA ARG C 264 0.87 9.79 -12.67
C ARG C 264 2.11 9.84 -13.54
N GLY C 265 3.27 10.08 -12.93
CA GLY C 265 4.52 10.08 -13.67
C GLY C 265 4.67 8.64 -14.15
N THR C 266 5.08 8.43 -15.39
CA THR C 266 5.18 7.09 -15.95
C THR C 266 6.52 6.85 -16.67
N HIS C 267 7.18 5.73 -16.33
CA HIS C 267 8.50 5.38 -16.89
C HIS C 267 8.44 4.11 -17.77
N TYR C 268 9.09 4.14 -18.93
CA TYR C 268 9.07 2.97 -19.82
C TYR C 268 10.21 2.96 -20.85
N CYS C 269 10.47 1.80 -21.44
CA CYS C 269 11.48 1.65 -22.50
C CYS C 269 10.72 1.53 -23.82
N PRO C 270 10.93 2.48 -24.74
CA PRO C 270 10.24 2.47 -26.04
C PRO C 270 10.53 1.27 -26.95
N ARG C 271 11.63 0.56 -26.71
CA ARG C 271 11.96 -0.61 -27.54
C ARG C 271 11.48 -1.94 -26.95
N CYS C 272 11.69 -2.14 -25.64
CA CYS C 272 11.27 -3.38 -24.99
C CYS C 272 9.77 -3.49 -24.78
N GLN C 273 9.09 -2.35 -24.68
CA GLN C 273 7.64 -2.36 -24.47
C GLN C 273 6.85 -2.00 -25.72
N ARG C 274 5.85 -2.82 -26.01
CA ARG C 274 4.97 -2.66 -27.17
C ARG C 274 5.41 -1.56 -28.13
ZN ZN D . 14.83 -1.80 -23.46
#